data_6ZCU
#
_entry.id   6ZCU
#
_cell.length_a   39.460
_cell.length_b   82.791
_cell.length_c   87.876
_cell.angle_alpha   90.000
_cell.angle_beta   90.000
_cell.angle_gamma   90.000
#
_symmetry.space_group_name_H-M   'P 21 21 21'
#
loop_
_entity.id
_entity.type
_entity.pdbx_description
1 polymer 'Tyrosine-protein kinase SYK'
2 non-polymer 6-chloro-2-(2-fluoro-4,5-dimethoxyphenyl)-N-(piperidin-4-ylmethyl)-3H-imidazo[4,5-b]pyridin-7-amine
3 water water
#
_entity_poly.entity_id   1
_entity_poly.type   'polypeptide(L)'
_entity_poly.pdbx_seq_one_letter_code
;MDTEVYESPYADPEEIRPKEVYLDRKLLTLEDKELGSGNFGTVKKGYYQMKKVVKTVAVKILKNEANDPALKDELLAEAN
VMQQLDNPYIVRMIGICEAESWMLVMEMAELGPLNKYLQQNRHVKDKNIIELVHQVSMGMKYLEESNFVHRDLAARNVLL
VTQHYAKISDFGLSKALRADENYYKAQTHGKWPVKWYAPECINYYKFSSKSDVWSFGVLMWEAFSYGQKPYRGMKGSEVT
AMLEKGERMGCPAGCPREMYDLMNLCWTYDVENRPGFAAVELRLRNYYYDVVNHHHHHH
;
_entity_poly.pdbx_strand_id   A
#
# COMPACT_ATOMS: atom_id res chain seq x y z
N VAL A 21 11.29 -21.43 0.00
CA VAL A 21 10.57 -20.47 0.83
C VAL A 21 11.02 -20.53 2.31
N TYR A 22 11.61 -21.66 2.74
CA TYR A 22 12.05 -21.81 4.12
C TYR A 22 13.50 -21.39 4.29
N LEU A 23 13.73 -20.42 5.18
CA LEU A 23 15.05 -19.79 5.41
C LEU A 23 15.76 -20.31 6.64
N ASP A 24 17.11 -20.30 6.60
CA ASP A 24 17.95 -20.75 7.71
C ASP A 24 18.20 -19.62 8.71
N ARG A 25 17.79 -19.79 9.97
CA ARG A 25 17.99 -18.76 11.02
C ARG A 25 19.47 -18.41 11.26
N LYS A 26 20.40 -19.39 11.17
CA LYS A 26 21.82 -19.08 11.36
C LYS A 26 22.39 -18.14 10.24
N LEU A 27 21.67 -18.02 9.11
CA LEU A 27 22.03 -17.14 8.01
C LEU A 27 21.44 -15.73 8.15
N LEU A 28 20.55 -15.53 9.12
CA LEU A 28 19.90 -14.26 9.37
C LEU A 28 20.46 -13.55 10.59
N THR A 29 20.82 -12.29 10.43
CA THR A 29 21.21 -11.48 11.57
C THR A 29 20.15 -10.40 11.69
N LEU A 30 19.55 -10.25 12.89
CA LEU A 30 18.59 -9.20 13.15
C LEU A 30 19.31 -8.01 13.76
N GLU A 31 19.20 -6.86 13.10
CA GLU A 31 19.84 -5.63 13.55
C GLU A 31 19.00 -4.99 14.67
N ASP A 32 19.64 -4.20 15.54
CA ASP A 32 18.95 -3.45 16.62
C ASP A 32 18.39 -2.19 15.95
N LYS A 33 17.41 -2.39 15.05
CA LYS A 33 16.77 -1.34 14.29
C LYS A 33 15.33 -1.74 14.01
N GLU A 34 14.38 -1.02 14.62
CA GLU A 34 12.97 -1.31 14.44
C GLU A 34 12.40 -0.48 13.28
N LEU A 35 11.65 -1.13 12.39
CA LEU A 35 11.02 -0.50 11.22
C LEU A 35 9.50 -0.38 11.36
N GLY A 36 8.93 -1.06 12.33
CA GLY A 36 7.50 -1.04 12.55
C GLY A 36 7.09 -1.97 13.66
N SER A 37 5.79 -1.89 14.07
CA SER A 37 5.25 -2.73 15.14
C SER A 37 3.72 -2.92 15.12
N GLY A 38 3.24 -3.42 16.23
CA GLY A 38 1.86 -3.76 16.56
C GLY A 38 1.93 -4.76 17.70
N ASN A 39 1.13 -5.85 17.73
CA ASN A 39 -0.06 -6.29 16.97
C ASN A 39 -0.31 -7.79 17.26
N PHE A 40 0.33 -8.85 16.64
CA PHE A 40 1.34 -9.18 15.60
C PHE A 40 2.77 -9.17 16.20
N GLY A 41 3.38 -8.02 16.44
CA GLY A 41 4.76 -7.94 16.92
C GLY A 41 5.56 -6.79 16.34
N THR A 42 6.82 -7.04 15.90
CA THR A 42 7.68 -5.97 15.37
C THR A 42 8.25 -6.27 13.96
N VAL A 43 8.76 -5.22 13.30
CA VAL A 43 9.47 -5.34 12.03
C VAL A 43 10.89 -4.86 12.31
N LYS A 44 11.88 -5.72 12.01
CA LYS A 44 13.27 -5.35 12.25
C LYS A 44 14.13 -5.42 10.99
N LYS A 45 15.13 -4.52 10.91
CA LYS A 45 16.13 -4.54 9.85
C LYS A 45 17.03 -5.75 10.11
N GLY A 46 17.50 -6.37 9.05
CA GLY A 46 18.39 -7.52 9.18
C GLY A 46 19.23 -7.74 7.96
N TYR A 47 20.09 -8.77 8.01
CA TYR A 47 20.96 -9.11 6.89
C TYR A 47 20.84 -10.59 6.68
N TYR A 48 20.57 -11.02 5.43
CA TYR A 48 20.43 -12.45 5.15
C TYR A 48 21.46 -12.95 4.16
N GLN A 49 22.24 -13.95 4.60
CA GLN A 49 23.27 -14.56 3.78
C GLN A 49 22.69 -15.42 2.71
N MET A 50 22.79 -14.93 1.48
CA MET A 50 22.31 -15.66 0.32
C MET A 50 23.40 -16.67 -0.14
N LYS A 51 23.26 -17.26 -1.34
CA LYS A 51 24.24 -18.25 -1.83
C LYS A 51 25.68 -17.70 -1.94
N LYS A 52 25.83 -16.35 -2.09
CA LYS A 52 27.13 -15.71 -2.16
C LYS A 52 27.15 -14.37 -1.44
N VAL A 53 26.21 -13.47 -1.78
CA VAL A 53 26.15 -12.12 -1.18
C VAL A 53 25.26 -12.07 0.05
N VAL A 54 25.37 -11.00 0.89
CA VAL A 54 24.37 -10.79 1.96
C VAL A 54 23.31 -9.89 1.31
N LYS A 55 22.03 -10.06 1.68
CA LYS A 55 20.95 -9.18 1.23
C LYS A 55 20.40 -8.38 2.43
N THR A 56 20.17 -7.07 2.27
CA THR A 56 19.59 -6.30 3.38
C THR A 56 18.09 -6.62 3.42
N VAL A 57 17.55 -6.94 4.62
CA VAL A 57 16.15 -7.35 4.74
C VAL A 57 15.35 -6.58 5.82
N ALA A 58 14.02 -6.64 5.70
CA ALA A 58 13.01 -6.19 6.66
C ALA A 58 12.36 -7.50 7.10
N VAL A 59 12.35 -7.75 8.42
CA VAL A 59 11.88 -8.99 9.02
C VAL A 59 10.66 -8.74 9.92
N LYS A 60 9.50 -9.23 9.50
CA LYS A 60 8.24 -9.14 10.24
C LYS A 60 8.28 -10.29 11.25
N ILE A 61 8.39 -9.96 12.53
CA ILE A 61 8.56 -10.92 13.64
C ILE A 61 7.28 -11.00 14.50
N LEU A 62 6.72 -12.21 14.59
CA LEU A 62 5.51 -12.49 15.39
C LEU A 62 5.88 -12.58 16.88
N LYS A 63 5.17 -11.84 17.75
CA LYS A 63 5.45 -11.86 19.19
C LYS A 63 4.18 -11.84 20.04
N PRO A 69 -1.71 -18.24 17.91
CA PRO A 69 -2.31 -19.35 17.15
C PRO A 69 -2.95 -18.90 15.83
N ALA A 70 -3.69 -17.78 15.86
CA ALA A 70 -4.32 -17.22 14.67
C ALA A 70 -3.31 -16.34 13.94
N LEU A 71 -2.45 -15.62 14.71
CA LEU A 71 -1.39 -14.74 14.19
C LEU A 71 -0.38 -15.49 13.32
N LYS A 72 -0.18 -16.80 13.59
CA LYS A 72 0.70 -17.70 12.83
C LYS A 72 0.10 -17.92 11.42
N ASP A 73 -1.20 -18.35 11.36
CA ASP A 73 -1.91 -18.58 10.09
C ASP A 73 -2.04 -17.28 9.28
N GLU A 74 -2.15 -16.12 9.96
CA GLU A 74 -2.26 -14.78 9.38
C GLU A 74 -0.95 -14.44 8.62
N LEU A 75 0.19 -14.75 9.25
CA LEU A 75 1.52 -14.53 8.68
C LEU A 75 1.76 -15.45 7.50
N LEU A 76 1.37 -16.74 7.64
CA LEU A 76 1.53 -17.74 6.58
C LEU A 76 0.65 -17.44 5.34
N ALA A 77 -0.58 -16.92 5.55
CA ALA A 77 -1.46 -16.52 4.45
C ALA A 77 -0.83 -15.29 3.73
N GLU A 78 -0.24 -14.34 4.50
CA GLU A 78 0.46 -13.17 3.94
C GLU A 78 1.65 -13.64 3.07
N ALA A 79 2.47 -14.58 3.61
CA ALA A 79 3.58 -15.22 2.90
C ALA A 79 3.07 -15.92 1.63
N ASN A 80 1.92 -16.65 1.74
CA ASN A 80 1.31 -17.34 0.58
C ASN A 80 0.91 -16.34 -0.50
N VAL A 81 0.38 -15.15 -0.11
CA VAL A 81 0.02 -14.10 -1.07
C VAL A 81 1.31 -13.55 -1.74
N MET A 82 2.35 -13.17 -0.92
CA MET A 82 3.57 -12.57 -1.46
CA MET A 82 3.63 -12.63 -1.40
C MET A 82 4.30 -13.52 -2.42
N GLN A 83 4.31 -14.83 -2.14
CA GLN A 83 4.90 -15.90 -2.98
C GLN A 83 4.34 -15.86 -4.42
N GLN A 84 3.05 -15.54 -4.58
CA GLN A 84 2.37 -15.51 -5.87
C GLN A 84 2.61 -14.27 -6.67
N LEU A 85 3.16 -13.21 -6.04
CA LEU A 85 3.30 -11.93 -6.72
C LEU A 85 4.67 -11.67 -7.24
N ASP A 86 4.74 -11.14 -8.46
CA ASP A 86 6.01 -10.83 -9.12
C ASP A 86 5.86 -9.63 -10.03
N ASN A 87 6.15 -8.46 -9.46
CA ASN A 87 6.03 -7.20 -10.16
C ASN A 87 7.06 -6.24 -9.58
N PRO A 88 7.66 -5.34 -10.41
CA PRO A 88 8.68 -4.41 -9.88
C PRO A 88 8.19 -3.41 -8.82
N TYR A 89 6.87 -3.19 -8.72
CA TYR A 89 6.34 -2.18 -7.79
C TYR A 89 5.66 -2.78 -6.57
N ILE A 90 5.98 -4.05 -6.28
CA ILE A 90 5.49 -4.77 -5.10
C ILE A 90 6.70 -5.32 -4.33
N VAL A 91 6.75 -5.11 -3.00
CA VAL A 91 7.84 -5.61 -2.14
C VAL A 91 8.02 -7.10 -2.34
N ARG A 92 9.27 -7.55 -2.49
CA ARG A 92 9.61 -8.97 -2.70
C ARG A 92 9.80 -9.70 -1.39
N MET A 93 9.20 -10.89 -1.25
CA MET A 93 9.42 -11.69 -0.06
C MET A 93 10.64 -12.61 -0.35
N ILE A 94 11.57 -12.74 0.60
CA ILE A 94 12.73 -13.63 0.49
C ILE A 94 12.26 -15.03 0.94
N GLY A 95 11.61 -15.07 2.08
CA GLY A 95 11.06 -16.30 2.61
C GLY A 95 10.54 -16.18 4.01
N ILE A 96 10.22 -17.33 4.57
CA ILE A 96 9.74 -17.45 5.94
C ILE A 96 10.81 -18.12 6.77
N CYS A 97 10.91 -17.74 8.04
CA CYS A 97 11.89 -18.33 8.94
C CYS A 97 11.25 -18.75 10.27
N GLU A 98 11.31 -20.05 10.56
CA GLU A 98 10.79 -20.64 11.79
C GLU A 98 11.95 -20.72 12.79
N ALA A 99 11.93 -19.85 13.81
CA ALA A 99 12.99 -19.80 14.81
C ALA A 99 12.44 -19.54 16.23
N GLU A 100 12.90 -18.46 16.93
CA GLU A 100 12.39 -18.09 18.27
C GLU A 100 10.96 -17.64 18.13
N SER A 101 10.65 -17.04 16.95
CA SER A 101 9.34 -16.54 16.56
C SER A 101 9.15 -16.80 15.06
N TRP A 102 7.89 -16.82 14.56
CA TRP A 102 7.62 -16.95 13.13
C TRP A 102 8.08 -15.65 12.48
N MET A 103 8.73 -15.73 11.32
CA MET A 103 9.32 -14.56 10.67
C MET A 103 9.07 -14.51 9.21
N LEU A 104 8.76 -13.31 8.71
CA LEU A 104 8.55 -13.08 7.29
C LEU A 104 9.69 -12.17 6.84
N VAL A 105 10.57 -12.68 5.99
CA VAL A 105 11.77 -11.96 5.55
C VAL A 105 11.53 -11.33 4.18
N MET A 106 11.65 -10.00 4.10
CA MET A 106 11.36 -9.29 2.86
C MET A 106 12.49 -8.38 2.43
N GLU A 107 12.58 -8.06 1.13
CA GLU A 107 13.63 -7.18 0.63
C GLU A 107 13.48 -5.77 1.29
N MET A 108 14.58 -5.17 1.77
CA MET A 108 14.51 -3.86 2.43
C MET A 108 14.38 -2.67 1.44
N ALA A 109 13.42 -1.74 1.66
CA ALA A 109 13.28 -0.48 0.90
C ALA A 109 13.82 0.55 1.90
N GLU A 110 15.09 0.91 1.74
CA GLU A 110 15.86 1.72 2.71
C GLU A 110 15.28 3.14 3.01
N LEU A 111 14.54 3.77 2.09
CA LEU A 111 14.01 5.13 2.35
C LEU A 111 12.72 5.14 3.17
N GLY A 112 12.07 3.98 3.28
CA GLY A 112 10.89 3.83 4.12
C GLY A 112 9.56 4.35 3.59
N PRO A 113 8.55 4.50 4.48
CA PRO A 113 7.21 4.88 4.01
C PRO A 113 7.12 6.28 3.39
N LEU A 114 6.29 6.36 2.34
CA LEU A 114 6.03 7.56 1.57
C LEU A 114 5.50 8.73 2.43
N ASN A 115 4.58 8.48 3.40
CA ASN A 115 4.01 9.61 4.19
C ASN A 115 5.11 10.26 5.05
N LYS A 116 5.88 9.42 5.80
CA LYS A 116 7.02 9.86 6.63
C LYS A 116 8.06 10.56 5.74
N TYR A 117 8.33 10.02 4.53
CA TYR A 117 9.32 10.65 3.63
C TYR A 117 8.92 12.08 3.24
N LEU A 118 7.64 12.27 2.84
CA LEU A 118 7.16 13.59 2.40
C LEU A 118 7.02 14.57 3.55
N GLN A 119 6.79 14.05 4.76
CA GLN A 119 6.71 14.84 5.98
C GLN A 119 8.10 15.47 6.26
N GLN A 120 9.17 14.68 6.05
CA GLN A 120 10.56 15.05 6.33
C GLN A 120 11.34 15.66 5.17
N ASN A 121 10.83 15.53 3.93
CA ASN A 121 11.43 16.04 2.71
C ASN A 121 10.37 16.87 1.99
N ARG A 122 10.16 18.10 2.48
CA ARG A 122 9.15 19.03 1.96
C ARG A 122 9.42 19.63 0.59
N HIS A 123 10.62 19.41 0.00
CA HIS A 123 10.98 20.00 -1.28
C HIS A 123 10.90 19.06 -2.48
N VAL A 124 10.27 17.87 -2.30
CA VAL A 124 10.03 16.91 -3.39
C VAL A 124 9.10 17.60 -4.41
N LYS A 125 9.47 17.57 -5.69
CA LYS A 125 8.71 18.24 -6.74
C LYS A 125 7.43 17.47 -7.09
N ASP A 126 6.41 18.18 -7.62
CA ASP A 126 5.13 17.57 -8.01
C ASP A 126 5.37 16.44 -9.00
N LYS A 127 6.26 16.67 -9.99
CA LYS A 127 6.65 15.71 -11.02
C LYS A 127 7.07 14.38 -10.34
N ASN A 128 7.84 14.49 -9.26
CA ASN A 128 8.39 13.38 -8.47
C ASN A 128 7.29 12.68 -7.70
N ILE A 129 6.35 13.44 -7.09
CA ILE A 129 5.21 12.83 -6.37
C ILE A 129 4.38 12.05 -7.41
N ILE A 130 4.15 12.63 -8.61
CA ILE A 130 3.39 12.00 -9.68
C ILE A 130 4.04 10.69 -10.11
N GLU A 131 5.36 10.71 -10.30
CA GLU A 131 6.14 9.53 -10.71
C GLU A 131 5.92 8.40 -9.67
N LEU A 132 5.98 8.73 -8.39
CA LEU A 132 5.82 7.73 -7.30
C LEU A 132 4.41 7.16 -7.27
N VAL A 133 3.37 8.03 -7.23
CA VAL A 133 2.00 7.53 -7.22
C VAL A 133 1.67 6.79 -8.51
N HIS A 134 2.31 7.17 -9.66
CA HIS A 134 2.11 6.40 -10.90
C HIS A 134 2.68 4.98 -10.76
N GLN A 135 3.82 4.85 -10.11
CA GLN A 135 4.43 3.52 -9.88
C GLN A 135 3.50 2.69 -9.01
N VAL A 136 2.90 3.31 -7.98
CA VAL A 136 1.92 2.59 -7.15
C VAL A 136 0.75 2.09 -8.04
N SER A 137 0.28 2.95 -8.97
CA SER A 137 -0.86 2.60 -9.83
C SER A 137 -0.48 1.43 -10.76
N MET A 138 0.81 1.33 -11.13
CA MET A 138 1.29 0.22 -11.98
C MET A 138 1.26 -1.09 -11.17
N GLY A 139 1.76 -1.04 -9.94
CA GLY A 139 1.69 -2.20 -9.06
C GLY A 139 0.26 -2.64 -8.78
N MET A 140 -0.66 -1.66 -8.59
CA MET A 140 -2.05 -2.00 -8.32
C MET A 140 -2.77 -2.56 -9.55
N LYS A 141 -2.42 -2.05 -10.74
CA LYS A 141 -2.94 -2.54 -12.00
C LYS A 141 -2.61 -4.03 -12.11
N TYR A 142 -1.37 -4.43 -11.74
CA TYR A 142 -0.92 -5.82 -11.73
C TYR A 142 -1.72 -6.64 -10.69
N LEU A 143 -1.93 -6.07 -9.48
CA LEU A 143 -2.69 -6.74 -8.43
C LEU A 143 -4.15 -6.94 -8.89
N GLU A 144 -4.69 -5.92 -9.59
CA GLU A 144 -6.05 -5.98 -10.13
C GLU A 144 -6.15 -7.13 -11.14
N GLU A 145 -5.20 -7.22 -12.09
CA GLU A 145 -5.15 -8.22 -13.18
C GLU A 145 -5.01 -9.61 -12.63
N SER A 146 -4.34 -9.73 -11.48
CA SER A 146 -4.09 -10.96 -10.76
C SER A 146 -5.25 -11.35 -9.85
N ASN A 147 -6.28 -10.49 -9.73
CA ASN A 147 -7.47 -10.73 -8.90
C ASN A 147 -7.12 -10.94 -7.41
N PHE A 148 -6.25 -10.05 -6.89
CA PHE A 148 -5.93 -9.94 -5.48
C PHE A 148 -6.42 -8.58 -5.07
N VAL A 149 -6.94 -8.46 -3.85
CA VAL A 149 -7.32 -7.17 -3.28
C VAL A 149 -6.38 -6.86 -2.16
N HIS A 150 -5.90 -5.63 -2.08
CA HIS A 150 -4.91 -5.23 -1.09
C HIS A 150 -5.54 -4.98 0.30
N ARG A 151 -6.58 -4.11 0.35
CA ARG A 151 -7.35 -3.81 1.55
C ARG A 151 -6.56 -2.99 2.62
N ASP A 152 -5.35 -2.51 2.30
CA ASP A 152 -4.63 -1.63 3.25
C ASP A 152 -3.77 -0.66 2.45
N LEU A 153 -4.32 -0.12 1.37
CA LEU A 153 -3.58 0.76 0.47
C LEU A 153 -3.58 2.20 0.98
N ALA A 154 -2.51 2.53 1.65
CA ALA A 154 -2.32 3.84 2.30
C ALA A 154 -0.86 4.28 2.05
N ALA A 155 -0.56 5.59 2.20
CA ALA A 155 0.79 6.17 1.99
C ALA A 155 1.84 5.53 2.92
N ARG A 156 1.42 5.13 4.13
CA ARG A 156 2.31 4.49 5.10
C ARG A 156 2.73 3.10 4.63
N ASN A 157 1.97 2.49 3.67
CA ASN A 157 2.25 1.18 3.14
C ASN A 157 2.93 1.26 1.76
N VAL A 158 3.30 2.47 1.35
CA VAL A 158 4.06 2.67 0.13
C VAL A 158 5.52 2.89 0.58
N LEU A 159 6.43 2.03 0.13
CA LEU A 159 7.82 2.10 0.56
C LEU A 159 8.74 2.60 -0.53
N LEU A 160 9.70 3.45 -0.16
CA LEU A 160 10.62 3.95 -1.18
C LEU A 160 11.95 3.21 -1.17
N VAL A 161 12.30 2.63 -2.32
CA VAL A 161 13.58 1.96 -2.55
C VAL A 161 14.60 3.10 -2.76
N THR A 162 14.23 4.08 -3.60
CA THR A 162 14.96 5.31 -3.87
C THR A 162 13.91 6.43 -3.88
N GLN A 163 14.35 7.71 -4.01
CA GLN A 163 13.38 8.82 -4.08
C GLN A 163 12.52 8.78 -5.36
N HIS A 164 12.92 7.96 -6.36
CA HIS A 164 12.24 7.79 -7.64
C HIS A 164 11.80 6.33 -7.86
N TYR A 165 11.63 5.55 -6.75
CA TYR A 165 11.19 4.15 -6.93
C TYR A 165 10.37 3.73 -5.70
N ALA A 166 9.03 3.59 -5.89
CA ALA A 166 8.07 3.19 -4.85
C ALA A 166 7.64 1.74 -5.03
N LYS A 167 7.37 1.07 -3.92
CA LYS A 167 6.86 -0.29 -3.92
C LYS A 167 5.69 -0.42 -2.93
N ILE A 168 4.68 -1.21 -3.29
CA ILE A 168 3.54 -1.52 -2.44
C ILE A 168 3.93 -2.56 -1.42
N SER A 169 3.60 -2.34 -0.15
CA SER A 169 3.91 -3.33 0.89
C SER A 169 2.68 -3.63 1.76
N ASP A 170 2.90 -4.45 2.81
CA ASP A 170 1.91 -4.81 3.81
C ASP A 170 0.65 -5.49 3.22
N PHE A 171 0.77 -6.79 2.98
CA PHE A 171 -0.29 -7.65 2.47
C PHE A 171 -1.01 -8.44 3.59
N GLY A 172 -0.96 -7.91 4.81
CA GLY A 172 -1.59 -8.50 5.99
C GLY A 172 -3.11 -8.63 5.90
N LEU A 173 -3.78 -7.77 5.09
CA LEU A 173 -5.25 -7.82 4.93
C LEU A 173 -5.68 -8.30 3.52
N SER A 174 -4.68 -8.56 2.66
CA SER A 174 -4.84 -8.95 1.27
C SER A 174 -5.58 -10.27 1.09
N LYS A 175 -6.37 -10.36 0.03
CA LYS A 175 -7.12 -11.57 -0.30
C LYS A 175 -7.04 -11.88 -1.78
N ALA A 176 -6.98 -13.19 -2.09
CA ALA A 176 -7.05 -13.73 -3.45
C ALA A 176 -8.57 -13.86 -3.69
N LEU A 177 -9.09 -13.22 -4.75
CA LEU A 177 -10.54 -13.30 -5.01
C LEU A 177 -10.98 -14.68 -5.45
N ARG A 178 -12.22 -15.07 -5.09
CA ARG A 178 -12.83 -16.35 -5.55
C ARG A 178 -12.96 -16.25 -7.06
N ALA A 179 -12.89 -17.40 -7.75
CA ALA A 179 -12.97 -17.42 -9.19
C ALA A 179 -14.34 -16.92 -9.73
N ASP A 180 -15.38 -17.02 -8.91
CA ASP A 180 -16.72 -16.62 -9.34
C ASP A 180 -17.19 -15.23 -8.85
N GLU A 181 -16.34 -14.48 -8.12
CA GLU A 181 -16.71 -13.17 -7.58
C GLU A 181 -15.62 -12.12 -7.82
N ASN A 182 -16.03 -10.85 -8.01
CA ASN A 182 -15.11 -9.73 -8.19
C ASN A 182 -14.88 -9.00 -6.84
N TYR A 183 -15.34 -9.58 -5.72
CA TYR A 183 -15.16 -8.97 -4.42
C TYR A 183 -14.95 -10.04 -3.34
N TYR A 184 -14.32 -9.63 -2.23
CA TYR A 184 -14.11 -10.42 -1.03
C TYR A 184 -15.10 -9.88 -0.01
N LYS A 185 -15.79 -10.78 0.69
CA LYS A 185 -16.76 -10.36 1.70
C LYS A 185 -16.19 -10.68 3.06
N ALA A 186 -15.96 -9.65 3.89
CA ALA A 186 -15.44 -9.86 5.23
C ALA A 186 -16.60 -10.39 6.12
N GLN A 187 -16.33 -11.47 6.89
CA GLN A 187 -17.32 -12.09 7.78
C GLN A 187 -17.19 -11.57 9.21
N TRP A 192 -9.36 -2.26 11.13
CA TRP A 192 -9.71 -1.75 9.80
C TRP A 192 -9.31 -0.29 9.56
N PRO A 193 -8.55 0.00 8.49
CA PRO A 193 -8.16 1.40 8.20
C PRO A 193 -9.31 2.14 7.47
N VAL A 194 -10.40 2.39 8.21
CA VAL A 194 -11.69 2.97 7.80
C VAL A 194 -11.54 4.26 6.97
N LYS A 195 -10.60 5.15 7.33
CA LYS A 195 -10.43 6.39 6.55
C LYS A 195 -9.93 6.14 5.12
N TRP A 196 -9.43 4.93 4.81
CA TRP A 196 -8.99 4.58 3.46
C TRP A 196 -10.00 3.71 2.71
N TYR A 197 -11.10 3.33 3.39
CA TYR A 197 -12.09 2.41 2.85
C TYR A 197 -13.26 3.08 2.11
N ALA A 198 -13.62 2.49 0.98
CA ALA A 198 -14.76 2.91 0.14
C ALA A 198 -16.10 2.62 0.87
N PRO A 199 -17.17 3.33 0.54
CA PRO A 199 -18.49 3.07 1.20
C PRO A 199 -18.97 1.62 1.14
N GLU A 200 -18.75 0.91 0.00
CA GLU A 200 -19.19 -0.51 -0.07
C GLU A 200 -18.48 -1.38 0.96
N CYS A 201 -17.23 -1.00 1.36
CA CYS A 201 -16.49 -1.73 2.39
C CYS A 201 -17.13 -1.50 3.75
N ILE A 202 -17.41 -0.23 4.07
CA ILE A 202 -17.96 0.19 5.37
C ILE A 202 -19.38 -0.35 5.59
N ASN A 203 -20.25 -0.18 4.59
CA ASN A 203 -21.65 -0.57 4.64
C ASN A 203 -21.92 -2.05 4.40
N TYR A 204 -21.23 -2.65 3.42
CA TYR A 204 -21.49 -4.04 3.03
C TYR A 204 -20.34 -5.02 3.26
N TYR A 205 -19.16 -4.56 3.76
CA TYR A 205 -17.99 -5.43 3.98
C TYR A 205 -17.49 -6.09 2.68
N LYS A 206 -17.79 -5.46 1.53
CA LYS A 206 -17.43 -5.97 0.21
C LYS A 206 -16.17 -5.22 -0.27
N PHE A 207 -15.12 -5.97 -0.62
CA PHE A 207 -13.81 -5.42 -1.01
C PHE A 207 -13.46 -5.94 -2.38
N SER A 208 -13.35 -5.02 -3.36
CA SER A 208 -12.98 -5.34 -4.73
C SER A 208 -11.75 -4.52 -5.15
N SER A 209 -11.25 -4.72 -6.39
CA SER A 209 -10.19 -3.84 -6.86
C SER A 209 -10.66 -2.38 -6.91
N LYS A 210 -11.97 -2.14 -7.23
CA LYS A 210 -12.49 -0.79 -7.23
C LYS A 210 -12.48 -0.20 -5.82
N SER A 211 -12.63 -1.04 -4.77
CA SER A 211 -12.48 -0.53 -3.38
C SER A 211 -11.01 -0.08 -3.18
N ASP A 212 -10.03 -0.84 -3.73
CA ASP A 212 -8.63 -0.39 -3.65
C ASP A 212 -8.41 0.94 -4.43
N VAL A 213 -9.17 1.21 -5.53
CA VAL A 213 -9.03 2.48 -6.26
C VAL A 213 -9.44 3.67 -5.31
N TRP A 214 -10.50 3.48 -4.49
CA TRP A 214 -10.94 4.51 -3.54
C TRP A 214 -9.76 4.80 -2.60
N SER A 215 -9.19 3.74 -2.00
CA SER A 215 -8.00 3.84 -1.12
C SER A 215 -6.87 4.58 -1.81
N PHE A 216 -6.65 4.26 -3.09
CA PHE A 216 -5.61 4.93 -3.89
C PHE A 216 -5.87 6.47 -3.94
N GLY A 217 -7.13 6.88 -4.10
CA GLY A 217 -7.46 8.30 -4.06
C GLY A 217 -7.06 8.94 -2.76
N VAL A 218 -7.30 8.23 -1.62
CA VAL A 218 -6.88 8.71 -0.28
C VAL A 218 -5.33 8.79 -0.24
N LEU A 219 -4.63 7.77 -0.72
CA LEU A 219 -3.16 7.73 -0.79
C LEU A 219 -2.63 8.97 -1.60
N MET A 220 -3.26 9.26 -2.78
CA MET A 220 -2.85 10.41 -3.59
C MET A 220 -3.02 11.73 -2.79
N TRP A 221 -4.13 11.82 -2.04
CA TRP A 221 -4.37 13.01 -1.22
C TRP A 221 -3.23 13.15 -0.18
N GLU A 222 -2.88 12.05 0.49
CA GLU A 222 -1.76 12.00 1.46
C GLU A 222 -0.44 12.45 0.84
N ALA A 223 -0.13 11.95 -0.35
CA ALA A 223 1.11 12.24 -1.08
C ALA A 223 1.19 13.73 -1.47
N PHE A 224 0.04 14.37 -1.82
CA PHE A 224 0.04 15.77 -2.20
C PHE A 224 -0.17 16.72 -1.02
N SER A 225 -0.36 16.17 0.20
CA SER A 225 -0.51 16.90 1.46
C SER A 225 0.74 16.73 2.31
N TYR A 226 1.83 16.24 1.70
CA TYR A 226 3.11 15.98 2.36
C TYR A 226 2.94 15.09 3.60
N GLY A 227 2.23 13.99 3.37
CA GLY A 227 2.02 12.96 4.37
C GLY A 227 1.10 13.32 5.53
N GLN A 228 0.24 14.32 5.36
CA GLN A 228 -0.74 14.68 6.39
C GLN A 228 -1.76 13.52 6.46
N LYS A 229 -2.28 13.22 7.65
CA LYS A 229 -3.26 12.13 7.76
C LYS A 229 -4.61 12.58 7.17
N PRO A 230 -5.33 11.70 6.46
CA PRO A 230 -6.62 12.11 5.90
C PRO A 230 -7.69 12.27 7.00
N TYR A 231 -8.70 13.08 6.74
CA TYR A 231 -9.83 13.31 7.67
C TYR A 231 -9.35 13.62 9.10
N ARG A 232 -8.36 14.52 9.20
CA ARG A 232 -7.75 14.93 10.47
C ARG A 232 -8.86 15.36 11.46
N GLY A 233 -8.77 14.86 12.71
CA GLY A 233 -9.68 15.21 13.82
C GLY A 233 -11.07 14.62 13.78
N MET A 234 -11.34 13.76 12.78
CA MET A 234 -12.65 13.16 12.57
C MET A 234 -12.72 11.73 13.05
N LYS A 235 -13.89 11.30 13.58
CA LYS A 235 -14.11 9.92 13.99
C LYS A 235 -14.54 9.19 12.72
N GLY A 236 -14.37 7.86 12.68
CA GLY A 236 -14.76 7.01 11.57
C GLY A 236 -16.20 7.21 11.11
N SER A 237 -17.13 7.28 12.09
CA SER A 237 -18.56 7.50 11.82
C SER A 237 -18.82 8.90 11.22
N GLU A 238 -18.00 9.89 11.59
CA GLU A 238 -18.15 11.23 11.02
C GLU A 238 -17.64 11.22 9.55
N VAL A 239 -16.65 10.37 9.24
CA VAL A 239 -16.11 10.24 7.88
C VAL A 239 -17.20 9.59 7.00
N THR A 240 -17.83 8.50 7.51
CA THR A 240 -18.93 7.81 6.82
C THR A 240 -20.06 8.83 6.45
N ALA A 241 -20.50 9.64 7.43
CA ALA A 241 -21.55 10.66 7.28
C ALA A 241 -21.15 11.69 6.22
N MET A 242 -19.88 12.15 6.27
CA MET A 242 -19.35 13.13 5.32
C MET A 242 -19.48 12.59 3.90
N LEU A 243 -19.02 11.33 3.71
CA LEU A 243 -19.05 10.68 2.40
C LEU A 243 -20.46 10.46 1.88
N GLU A 244 -21.35 9.99 2.77
CA GLU A 244 -22.74 9.77 2.38
C GLU A 244 -23.46 11.08 1.96
N LYS A 245 -23.08 12.27 2.50
CA LYS A 245 -23.63 13.58 2.08
C LYS A 245 -23.01 14.08 0.75
N GLY A 246 -22.07 13.32 0.18
CA GLY A 246 -21.43 13.72 -1.08
C GLY A 246 -20.23 14.62 -0.88
N GLU A 247 -19.75 14.73 0.35
CA GLU A 247 -18.61 15.59 0.63
C GLU A 247 -17.31 14.82 0.57
N ARG A 248 -16.22 15.52 0.23
CA ARG A 248 -14.90 14.88 0.12
C ARG A 248 -13.89 15.83 0.68
N MET A 249 -12.69 15.32 1.01
CA MET A 249 -11.61 16.18 1.51
C MET A 249 -11.29 17.27 0.47
N GLY A 250 -10.98 18.47 0.94
CA GLY A 250 -10.63 19.57 0.04
C GLY A 250 -9.29 19.40 -0.63
N CYS A 251 -9.02 20.24 -1.63
CA CYS A 251 -7.78 20.20 -2.38
C CYS A 251 -6.58 20.61 -1.53
N PRO A 252 -5.54 19.74 -1.41
CA PRO A 252 -4.32 20.11 -0.63
C PRO A 252 -3.66 21.38 -1.18
N ALA A 253 -3.11 22.25 -0.30
CA ALA A 253 -2.47 23.50 -0.73
C ALA A 253 -1.36 23.19 -1.76
N GLY A 254 -1.47 23.82 -2.92
CA GLY A 254 -0.48 23.65 -4.00
C GLY A 254 -0.59 22.39 -4.84
N CYS A 255 -1.66 21.58 -4.62
CA CYS A 255 -1.86 20.35 -5.39
C CYS A 255 -2.25 20.67 -6.81
N PRO A 256 -1.63 20.00 -7.82
CA PRO A 256 -2.07 20.21 -9.21
C PRO A 256 -3.55 19.84 -9.36
N ARG A 257 -4.31 20.69 -10.08
CA ARG A 257 -5.75 20.52 -10.29
C ARG A 257 -6.12 19.14 -10.87
N GLU A 258 -5.33 18.65 -11.85
CA GLU A 258 -5.49 17.37 -12.54
C GLU A 258 -5.42 16.21 -11.55
N MET A 259 -4.52 16.31 -10.57
CA MET A 259 -4.34 15.30 -9.54
C MET A 259 -5.50 15.30 -8.57
N TYR A 260 -5.96 16.50 -8.14
CA TYR A 260 -7.13 16.58 -7.28
C TYR A 260 -8.40 16.08 -8.01
N ASP A 261 -8.52 16.37 -9.31
CA ASP A 261 -9.65 15.88 -10.11
C ASP A 261 -9.64 14.35 -10.18
N LEU A 262 -8.43 13.75 -10.28
CA LEU A 262 -8.28 12.30 -10.31
C LEU A 262 -8.70 11.70 -8.96
N MET A 263 -8.35 12.36 -7.85
CA MET A 263 -8.73 11.89 -6.50
C MET A 263 -10.26 11.80 -6.44
N ASN A 264 -10.94 12.85 -6.91
CA ASN A 264 -12.40 12.86 -6.90
C ASN A 264 -13.02 11.79 -7.77
N LEU A 265 -12.36 11.45 -8.89
CA LEU A 265 -12.81 10.32 -9.70
C LEU A 265 -12.61 8.97 -8.96
N CYS A 266 -11.49 8.80 -8.22
CA CYS A 266 -11.27 7.60 -7.38
C CYS A 266 -12.32 7.51 -6.29
N TRP A 267 -12.80 8.68 -5.82
CA TRP A 267 -13.83 8.76 -4.77
C TRP A 267 -15.28 8.76 -5.32
N THR A 268 -15.52 8.06 -6.46
CA THR A 268 -16.86 7.90 -7.01
C THR A 268 -17.63 6.99 -6.07
N TYR A 269 -18.81 7.42 -5.54
CA TYR A 269 -19.57 6.59 -4.60
C TYR A 269 -19.92 5.21 -5.18
N ASP A 270 -20.50 5.20 -6.38
CA ASP A 270 -20.96 4.00 -7.08
C ASP A 270 -19.79 3.22 -7.65
N VAL A 271 -19.60 1.99 -7.16
CA VAL A 271 -18.54 1.05 -7.59
C VAL A 271 -18.49 0.89 -9.10
N GLU A 272 -19.67 0.84 -9.75
CA GLU A 272 -19.78 0.66 -11.21
C GLU A 272 -19.24 1.84 -12.02
N ASN A 273 -19.41 3.11 -11.56
CA ASN A 273 -18.87 4.26 -12.30
C ASN A 273 -17.45 4.61 -11.92
N ARG A 274 -16.94 4.04 -10.82
CA ARG A 274 -15.59 4.30 -10.34
C ARG A 274 -14.57 3.68 -11.33
N PRO A 275 -13.47 4.35 -11.74
CA PRO A 275 -12.52 3.68 -12.66
C PRO A 275 -11.77 2.52 -11.99
N GLY A 276 -11.29 1.58 -12.81
CA GLY A 276 -10.38 0.52 -12.34
C GLY A 276 -8.94 1.02 -12.46
N PHE A 277 -7.95 0.21 -12.05
CA PHE A 277 -6.56 0.65 -12.04
C PHE A 277 -5.96 0.86 -13.43
N ALA A 278 -6.44 0.13 -14.44
CA ALA A 278 -5.97 0.39 -15.82
C ALA A 278 -6.26 1.84 -16.24
N ALA A 279 -7.50 2.34 -16.00
CA ALA A 279 -7.87 3.71 -16.34
C ALA A 279 -7.10 4.74 -15.49
N VAL A 280 -6.94 4.48 -14.17
CA VAL A 280 -6.15 5.37 -13.32
C VAL A 280 -4.67 5.44 -13.78
N GLU A 281 -4.04 4.27 -14.03
CA GLU A 281 -2.63 4.20 -14.46
C GLU A 281 -2.41 5.08 -15.73
N LEU A 282 -3.31 4.96 -16.71
CA LEU A 282 -3.21 5.72 -17.96
C LEU A 282 -3.30 7.23 -17.75
N ARG A 283 -4.28 7.69 -16.94
CA ARG A 283 -4.43 9.11 -16.64
C ARG A 283 -3.20 9.70 -15.95
N LEU A 284 -2.64 8.95 -14.97
CA LEU A 284 -1.43 9.38 -14.28
C LEU A 284 -0.23 9.44 -15.22
N ARG A 285 -0.10 8.43 -16.06
CA ARG A 285 1.01 8.33 -17.01
C ARG A 285 1.01 9.54 -17.98
N ASN A 286 -0.16 9.86 -18.56
CA ASN A 286 -0.31 11.00 -19.48
C ASN A 286 -0.01 12.33 -18.78
N TYR A 287 -0.54 12.50 -17.55
CA TYR A 287 -0.29 13.71 -16.79
C TYR A 287 1.19 13.87 -16.42
N TYR A 288 1.87 12.74 -16.11
CA TYR A 288 3.29 12.74 -15.79
C TYR A 288 4.09 13.37 -16.93
N TYR A 289 3.81 12.96 -18.19
CA TYR A 289 4.48 13.49 -19.38
C TYR A 289 4.21 14.96 -19.62
N ASP A 290 3.01 15.46 -19.24
CA ASP A 290 2.71 16.89 -19.36
C ASP A 290 3.63 17.70 -18.41
N VAL A 291 3.84 17.18 -17.18
CA VAL A 291 4.65 17.81 -16.13
C VAL A 291 6.18 17.71 -16.43
N VAL A 292 6.66 16.52 -16.86
CA VAL A 292 8.06 16.24 -17.22
C VAL A 292 8.54 17.22 -18.31
N ASN A 293 7.66 17.51 -19.30
CA ASN A 293 7.92 18.45 -20.37
C ASN A 293 7.50 19.89 -19.99
N HIS A 294 7.93 20.31 -18.76
CA HIS A 294 7.74 21.62 -18.12
C HIS A 294 6.39 22.27 -18.37
#